data_6DME
#
_entry.id   6DME
#
_cell.length_a   100.184
_cell.length_b   51.816
_cell.length_c   77.862
_cell.angle_alpha   90.00
_cell.angle_beta   128.10
_cell.angle_gamma   90.00
#
_symmetry.space_group_name_H-M   'C 1 2 1'
#
loop_
_entity.id
_entity.type
_entity.pdbx_description
1 polymer 'ppGpp Riboswitch'
2 non-polymer "GUANOSINE-5',3'-TETRAPHOSPHATE"
3 non-polymer 'MAGNESIUM ION'
4 non-polymer 'THALLIUM (I) ION'
5 water water
#
_entity_poly.entity_id   1
_entity_poly.type   'polyribonucleotide'
_entity_poly.pdbx_seq_one_letter_code
;(GTP)GAAGUGUACCUAGGGAUCCACCUCGAGAGAGGAAGGACCAAGCGGUACAGGCCUACUUCGGUAGGUUACACCGUG
GGGAUAAAAGACCCGUGGCAAGUUU(CCC)
;
_entity_poly.pdbx_strand_id   A
#
loop_
_chem_comp.id
_chem_comp.type
_chem_comp.name
_chem_comp.formula
A RNA linking ADENOSINE-5'-MONOPHOSPHATE 'C10 H14 N5 O7 P'
C RNA linking CYTIDINE-5'-MONOPHOSPHATE 'C9 H14 N3 O8 P'
CCC RNA linking 'CYTIDINE-5'-PHOSPHATE-2',3'-CYCLIC PHOSPHATE' 'C9 H13 N3 O10 P2'
G RNA linking GUANOSINE-5'-MONOPHOSPHATE 'C10 H14 N5 O8 P'
G4P RNA linking GUANOSINE-5',3'-TETRAPHOSPHATE 'C10 H17 N5 O17 P4'
GTP non-polymer GUANOSINE-5'-TRIPHOSPHATE 'C10 H16 N5 O14 P3'
MG non-polymer 'MAGNESIUM ION' 'Mg 2'
TL non-polymer 'THALLIUM (I) ION' 'Tl 1'
U RNA linking URIDINE-5'-MONOPHOSPHATE 'C9 H13 N2 O9 P'
#
# COMPACT_ATOMS: atom_id res chain seq x y z
O3B GTP A 1 0.29 -2.38 -7.97
PB GTP A 1 1.60 -2.97 -7.52
O1B GTP A 1 2.21 -3.89 -8.70
O2B GTP A 1 2.57 -1.88 -7.11
O3A GTP A 1 1.33 -3.97 -6.29
PA GTP A 1 0.31 -5.21 -6.50
O1A GTP A 1 -0.29 -5.14 -7.88
O2A GTP A 1 -0.76 -5.19 -5.43
O5' GTP A 1 1.20 -6.54 -6.40
C5' GTP A 1 0.59 -7.73 -5.92
C4' GTP A 1 1.41 -8.37 -4.82
O4' GTP A 1 2.79 -8.25 -5.09
C3' GTP A 1 1.27 -7.69 -3.48
O3' GTP A 1 0.06 -8.03 -2.84
C2' GTP A 1 2.48 -8.19 -2.71
O2' GTP A 1 2.25 -9.53 -2.28
C1' GTP A 1 3.49 -8.19 -3.86
N9 GTP A 1 4.21 -6.90 -3.78
C8 GTP A 1 4.07 -5.84 -4.62
N7 GTP A 1 4.90 -4.85 -4.21
C5 GTP A 1 5.57 -5.27 -3.11
C6 GTP A 1 6.53 -4.68 -2.31
O6 GTP A 1 6.92 -3.54 -2.54
N1 GTP A 1 7.05 -5.38 -1.24
C2 GTP A 1 6.61 -6.67 -0.98
N2 GTP A 1 7.12 -7.34 0.05
N3 GTP A 1 5.66 -7.25 -1.79
C4 GTP A 1 5.15 -6.57 -2.83
PC CCC A 102 12.61 -8.81 4.12
O1C CCC A 102 13.40 -9.75 3.24
O2C CCC A 102 11.98 -9.60 5.24
P CCC A 102 14.51 -2.11 4.68
OP1 CCC A 102 15.74 -2.33 5.53
OP2 CCC A 102 14.62 -1.40 3.35
O5' CCC A 102 13.81 -3.53 4.42
C5' CCC A 102 13.63 -4.42 5.51
C4' CCC A 102 12.58 -5.46 5.14
O4' CCC A 102 11.45 -4.79 4.59
C3' CCC A 102 13.12 -6.41 4.08
O3' CCC A 102 13.43 -7.63 4.75
C2' CCC A 102 11.88 -6.66 3.18
O2' CCC A 102 11.45 -8.03 3.38
C1' CCC A 102 10.83 -5.65 3.62
N1 CCC A 102 10.43 -4.82 2.49
C2 CCC A 102 9.41 -5.22 1.75
O2 CCC A 102 8.82 -6.26 2.04
N3 CCC A 102 8.98 -4.49 0.65
C4 CCC A 102 9.62 -3.37 0.34
N4 CCC A 102 9.18 -2.70 -0.71
C5 CCC A 102 10.71 -2.92 1.12
C6 CCC A 102 11.10 -3.69 2.20
PB G4P B . -8.79 4.44 -3.70
O1B G4P B . -9.77 3.49 -3.05
O2B G4P B . -9.14 4.66 -5.15
O3B G4P B . -8.78 5.78 -3.00
O3A G4P B . -7.35 3.76 -3.62
PA G4P B . -6.46 3.01 -4.71
O1A G4P B . -7.34 2.60 -5.87
O2A G4P B . -5.33 3.93 -5.11
O5' G4P B . -5.88 1.69 -4.00
C5' G4P B . -6.20 1.36 -2.66
C4' G4P B . -5.01 1.69 -1.80
O4' G4P B . -5.33 2.72 -0.85
C3' G4P B . -4.48 0.54 -0.91
O3' G4P B . -3.06 0.50 -1.05
C2' G4P B . -4.75 1.04 0.54
O2' G4P B . -3.73 0.55 1.42
C1' G4P B . -4.58 2.54 0.31
N9 G4P B . -4.51 3.60 1.32
C8 G4P B . -4.95 3.62 2.62
N7 G4P B . -4.61 4.80 3.20
C5 G4P B . -3.95 5.50 2.26
C6 G4P B . -3.38 6.77 2.30
O6 G4P B . -3.46 7.44 3.35
N1 G4P B . -2.76 7.30 1.24
C2 G4P B . -2.74 6.49 0.14
N2 G4P B . -2.13 6.98 -0.95
N3 G4P B . -3.27 5.24 0.03
C4 G4P B . -3.89 4.75 1.13
PC G4P B . -2.26 -0.84 -1.44
O1C G4P B . -3.13 -1.76 -2.25
O2C G4P B . -1.75 -1.46 -0.16
O3C G4P B . -1.03 -0.29 -2.31
PD G4P B . 0.56 -0.38 -2.17
O1D G4P B . 1.00 -1.44 -1.17
O2D G4P B . 1.05 0.98 -1.72
O3D G4P B . 1.10 -0.60 -3.56
MG MG C . 2.20 4.68 -12.50
MG MG D . -7.85 0.28 -6.11
MG MG E . -13.30 8.96 9.53
MG MG F . -14.96 6.96 4.24
MG MG G . -10.77 9.04 -4.49
MG MG H . -19.59 18.36 14.09
MG MG I . -18.82 14.52 18.11
MG MG J . -44.33 18.53 9.92
MG MG K . -56.39 27.72 11.87
MG MG L . -9.95 15.14 8.29
MG MG M . 6.20 15.84 16.04
MG MG N . 10.80 25.95 8.41
MG MG O . 0.13 -2.43 1.47
TL TL P . -33.17 22.96 9.92
#